data_4LK7
#
_entry.id   4LK7
#
_cell.length_a   49.585
_cell.length_b   69.576
_cell.length_c   158.312
_cell.angle_alpha   90.00
_cell.angle_beta   90.00
_cell.angle_gamma   90.00
#
_symmetry.space_group_name_H-M   'P 21 21 21'
#
loop_
_entity.id
_entity.type
_entity.pdbx_description
1 polymer 'PA-I galactophilic lectin'
2 non-polymer 'CALCIUM ION'
3 non-polymer 7-hydroxy-3H-phenoxazin-3-one
4 non-polymer beta-D-galactopyranose
5 water water
#
_entity_poly.entity_id   1
_entity_poly.type   'polypeptide(L)'
_entity_poly.pdbx_seq_one_letter_code
;AWKGEVLANNEAGQVTSIIYNPGDVITIVAAGWASYGPTQKWGPQGDREHPDQGLICHDAFCGALVMKIGNSGTIPVNTG
LFRWVAPNNVQGAITLIYNDVPGTYGNNSGSFSVNIGKDQS
;
_entity_poly.pdbx_strand_id   A,B,C,D
#
# COMPACT_ATOMS: atom_id res chain seq x y z
N ALA A 1 -29.21 -13.73 -2.28
CA ALA A 1 -28.35 -12.58 -2.03
C ALA A 1 -29.01 -11.64 -1.03
N TRP A 2 -28.18 -10.88 -0.32
CA TRP A 2 -28.68 -10.02 0.74
C TRP A 2 -27.99 -8.67 0.60
N LYS A 3 -28.76 -7.61 0.82
CA LYS A 3 -28.23 -6.26 0.92
C LYS A 3 -28.85 -5.55 2.12
N GLY A 4 -28.02 -4.96 2.95
CA GLY A 4 -28.54 -4.28 4.12
C GLY A 4 -27.52 -3.38 4.76
N GLU A 5 -27.90 -2.80 5.89
CA GLU A 5 -27.03 -1.88 6.63
C GLU A 5 -26.66 -2.49 7.96
N VAL A 6 -25.45 -2.20 8.41
CA VAL A 6 -24.99 -2.65 9.71
C VAL A 6 -24.64 -1.41 10.50
N LEU A 7 -25.36 -1.16 11.59
CA LEU A 7 -25.11 0.05 12.38
C LEU A 7 -23.92 -0.15 13.32
N ALA A 8 -23.06 0.85 13.40
CA ALA A 8 -21.85 0.74 14.20
C ALA A 8 -22.18 0.57 15.69
N ASN A 9 -23.37 1.02 16.11
CA ASN A 9 -23.74 1.01 17.52
C ASN A 9 -24.55 -0.22 17.90
N ASN A 10 -24.73 -1.12 16.94
CA ASN A 10 -25.48 -2.35 17.16
C ASN A 10 -24.59 -3.48 17.68
N GLU A 11 -24.46 -3.59 19.00
CA GLU A 11 -23.52 -4.54 19.59
C GLU A 11 -23.86 -6.00 19.23
N ALA A 12 -25.13 -6.29 19.03
CA ALA A 12 -25.55 -7.66 18.75
C ALA A 12 -25.22 -8.07 17.31
N GLY A 13 -25.09 -7.07 16.45
CA GLY A 13 -24.82 -7.35 15.05
C GLY A 13 -26.10 -7.42 14.25
N GLN A 14 -25.94 -7.41 12.92
CA GLN A 14 -27.08 -7.52 12.02
C GLN A 14 -27.13 -8.92 11.42
N VAL A 15 -28.16 -9.68 11.81
CA VAL A 15 -28.36 -11.01 11.23
C VAL A 15 -28.91 -10.85 9.81
N THR A 16 -28.23 -11.46 8.86
CA THR A 16 -28.62 -11.37 7.46
C THR A 16 -29.48 -12.58 7.10
N SER A 17 -30.01 -12.61 5.88
CA SER A 17 -30.80 -13.75 5.41
C SER A 17 -29.92 -14.87 4.86
N ILE A 18 -28.63 -14.64 4.82
CA ILE A 18 -27.72 -15.62 4.23
C ILE A 18 -27.37 -16.73 5.22
N ILE A 19 -27.75 -17.96 4.89
CA ILE A 19 -27.31 -19.11 5.66
C ILE A 19 -26.11 -19.72 4.94
N TYR A 20 -24.94 -19.65 5.56
CA TYR A 20 -23.76 -20.26 4.96
C TYR A 20 -23.74 -21.79 5.16
N ASN A 21 -23.66 -22.53 4.06
CA ASN A 21 -23.67 -24.00 4.10
C ASN A 21 -22.34 -24.60 3.64
N PRO A 22 -21.99 -25.80 4.15
CA PRO A 22 -20.71 -26.41 3.74
C PRO A 22 -20.52 -26.33 2.23
N GLY A 23 -19.31 -25.96 1.81
CA GLY A 23 -19.01 -25.85 0.40
C GLY A 23 -19.41 -24.53 -0.26
N ASP A 24 -20.22 -23.72 0.42
CA ASP A 24 -20.65 -22.45 -0.15
C ASP A 24 -19.46 -21.53 -0.48
N VAL A 25 -19.59 -20.83 -1.59
CA VAL A 25 -18.65 -19.77 -1.97
C VAL A 25 -19.40 -18.45 -1.92
N ILE A 26 -18.85 -17.48 -1.21
CA ILE A 26 -19.56 -16.22 -1.07
C ILE A 26 -18.70 -15.03 -1.44
N THR A 27 -19.37 -13.97 -1.85
CA THR A 27 -18.73 -12.68 -2.02
C THR A 27 -19.45 -11.62 -1.21
N ILE A 28 -18.65 -10.80 -0.52
CA ILE A 28 -19.17 -9.68 0.28
C ILE A 28 -18.51 -8.40 -0.18
N VAL A 29 -19.29 -7.34 -0.36
CA VAL A 29 -18.73 -6.03 -0.59
C VAL A 29 -19.33 -5.08 0.43
N ALA A 30 -18.47 -4.32 1.10
CA ALA A 30 -18.92 -3.41 2.15
C ALA A 30 -18.46 -1.98 1.86
N ALA A 31 -19.32 -1.01 2.14
CA ALA A 31 -19.00 0.41 1.95
C ALA A 31 -19.56 1.26 3.09
N GLY A 32 -19.14 2.52 3.17
CA GLY A 32 -19.70 3.44 4.15
C GLY A 32 -18.71 3.95 5.17
N TRP A 33 -19.25 4.67 6.17
CA TRP A 33 -18.44 5.41 7.12
C TRP A 33 -19.01 5.28 8.52
N ALA A 34 -18.15 4.99 9.48
CA ALA A 34 -18.62 4.80 10.85
C ALA A 34 -17.53 5.17 11.85
N SER A 35 -17.94 5.37 13.10
CA SER A 35 -16.97 5.68 14.15
C SER A 35 -17.24 4.89 15.40
N TYR A 36 -16.17 4.62 16.15
CA TYR A 36 -16.27 3.94 17.43
C TYR A 36 -16.26 4.97 18.58
N GLY A 37 -16.34 6.25 18.24
CA GLY A 37 -16.40 7.27 19.28
C GLY A 37 -15.96 8.65 18.85
N PRO A 38 -14.74 8.77 18.31
CA PRO A 38 -14.24 10.07 17.84
C PRO A 38 -15.13 10.72 16.78
N THR A 39 -14.96 12.03 16.60
CA THR A 39 -15.73 12.72 15.60
C THR A 39 -15.43 12.20 14.18
N GLN A 40 -14.19 11.78 13.95
CA GLN A 40 -13.81 11.24 12.64
C GLN A 40 -14.57 9.95 12.36
N LYS A 41 -14.74 9.63 11.08
CA LYS A 41 -15.24 8.31 10.70
C LYS A 41 -14.26 7.55 9.84
N TRP A 42 -14.41 6.23 9.82
CA TRP A 42 -13.54 5.36 9.05
C TRP A 42 -14.37 4.41 8.18
N GLY A 43 -13.74 3.87 7.15
CA GLY A 43 -14.37 2.89 6.29
C GLY A 43 -14.32 1.49 6.91
N PRO A 44 -14.72 0.48 6.14
CA PRO A 44 -14.89 -0.90 6.60
C PRO A 44 -13.61 -1.59 7.08
N GLN A 45 -12.44 -1.04 6.75
CA GLN A 45 -11.19 -1.59 7.30
C GLN A 45 -10.89 -1.04 8.70
N GLY A 46 -11.66 -0.04 9.11
CA GLY A 46 -11.46 0.57 10.42
C GLY A 46 -10.27 1.52 10.51
N ASP A 47 -9.78 1.74 11.73
CA ASP A 47 -8.71 2.69 12.00
C ASP A 47 -7.38 1.97 12.26
N ARG A 48 -6.47 2.05 11.31
CA ARG A 48 -5.22 1.31 11.37
C ARG A 48 -4.28 1.83 12.45
N GLU A 49 -4.50 3.06 12.91
CA GLU A 49 -3.62 3.71 13.89
C GLU A 49 -4.01 3.38 15.33
N HIS A 50 -5.15 2.74 15.51
CA HIS A 50 -5.78 2.63 16.82
C HIS A 50 -5.41 1.32 17.54
N PRO A 51 -5.10 1.40 18.83
CA PRO A 51 -4.76 0.16 19.55
C PRO A 51 -5.96 -0.75 19.76
N ASP A 52 -5.70 -2.05 19.86
CA ASP A 52 -6.73 -3.02 20.19
C ASP A 52 -6.91 -3.00 21.71
N GLN A 53 -8.05 -2.51 22.17
CA GLN A 53 -8.30 -2.39 23.60
C GLN A 53 -9.26 -3.46 24.14
N GLY A 54 -9.33 -4.58 23.42
CA GLY A 54 -10.20 -5.69 23.77
C GLY A 54 -11.32 -5.88 22.76
N LEU A 55 -10.99 -5.75 21.47
CA LEU A 55 -11.97 -5.84 20.39
C LEU A 55 -12.57 -7.23 20.27
N ILE A 56 -13.82 -7.31 19.82
CA ILE A 56 -14.45 -8.61 19.55
C ILE A 56 -13.68 -9.39 18.48
N CYS A 57 -12.94 -8.69 17.63
CA CYS A 57 -12.08 -9.38 16.66
C CYS A 57 -10.65 -8.87 16.69
N HIS A 58 -9.74 -9.71 17.16
CA HIS A 58 -8.35 -9.30 17.26
C HIS A 58 -7.62 -9.35 15.91
N ASP A 59 -8.31 -9.85 14.89
CA ASP A 59 -7.71 -10.00 13.57
C ASP A 59 -8.13 -8.90 12.60
N ALA A 60 -8.67 -7.82 13.15
CA ALA A 60 -9.07 -6.66 12.36
C ALA A 60 -8.97 -5.42 13.23
N PHE A 61 -8.87 -4.26 12.60
CA PHE A 61 -8.75 -3.00 13.31
C PHE A 61 -10.05 -2.62 13.99
N CYS A 62 -9.95 -1.76 14.99
CA CYS A 62 -11.12 -1.17 15.61
C CYS A 62 -11.92 -0.42 14.54
N GLY A 63 -13.24 -0.62 14.51
CA GLY A 63 -14.07 0.03 13.51
C GLY A 63 -14.13 -0.70 12.18
N ALA A 64 -13.53 -1.89 12.12
CA ALA A 64 -13.63 -2.69 10.91
C ALA A 64 -14.93 -3.47 10.90
N LEU A 65 -15.36 -3.91 9.72
CA LEU A 65 -16.50 -4.81 9.63
C LEU A 65 -16.03 -6.23 9.82
N VAL A 66 -16.75 -6.99 10.65
CA VAL A 66 -16.47 -8.41 10.83
C VAL A 66 -17.78 -9.18 10.82
N MET A 67 -17.69 -10.50 10.99
CA MET A 67 -18.89 -11.33 10.94
C MET A 67 -18.73 -12.57 11.80
N LYS A 68 -19.86 -13.17 12.13
CA LYS A 68 -19.89 -14.53 12.66
C LYS A 68 -20.76 -15.36 11.74
N ILE A 69 -20.36 -16.60 11.52
CA ILE A 69 -21.18 -17.53 10.75
C ILE A 69 -21.68 -18.57 11.75
N GLY A 70 -22.99 -18.59 11.96
CA GLY A 70 -23.56 -19.34 13.06
C GLY A 70 -23.02 -18.74 14.35
N ASN A 71 -22.32 -19.56 15.12
CA ASN A 71 -21.73 -19.13 16.37
C ASN A 71 -20.21 -19.18 16.28
N SER A 72 -19.67 -19.06 15.07
CA SER A 72 -18.23 -19.14 14.88
C SER A 72 -17.56 -18.04 15.69
N GLY A 73 -16.23 -18.04 15.71
CA GLY A 73 -15.52 -16.90 16.25
C GLY A 73 -15.67 -15.77 15.24
N THR A 74 -15.30 -14.56 15.61
CA THR A 74 -15.39 -13.45 14.67
C THR A 74 -14.43 -13.64 13.50
N ILE A 75 -14.89 -13.24 12.33
CA ILE A 75 -14.12 -13.38 11.10
C ILE A 75 -14.07 -12.01 10.44
N PRO A 76 -12.85 -11.52 10.14
CA PRO A 76 -12.71 -10.22 9.48
C PRO A 76 -13.40 -10.21 8.12
N VAL A 77 -14.07 -9.10 7.82
CA VAL A 77 -14.66 -8.90 6.49
C VAL A 77 -14.00 -7.70 5.83
N ASN A 78 -13.78 -6.64 6.61
CA ASN A 78 -13.18 -5.42 6.06
C ASN A 78 -13.99 -4.88 4.89
N THR A 79 -13.34 -4.55 3.77
CA THR A 79 -14.05 -4.03 2.60
C THR A 79 -14.84 -5.13 1.88
N GLY A 80 -14.57 -6.37 2.23
CA GLY A 80 -15.24 -7.51 1.62
C GLY A 80 -14.38 -8.74 1.44
N LEU A 81 -15.00 -9.78 0.90
CA LEU A 81 -14.32 -11.05 0.65
C LEU A 81 -14.71 -11.48 -0.75
N PHE A 82 -13.71 -11.92 -1.52
CA PHE A 82 -13.93 -12.28 -2.92
C PHE A 82 -13.89 -13.79 -3.11
N ARG A 83 -15.03 -14.37 -3.48
CA ARG A 83 -15.15 -15.81 -3.74
C ARG A 83 -14.47 -16.63 -2.65
N TRP A 84 -15.00 -16.48 -1.44
CA TRP A 84 -14.36 -16.94 -0.22
C TRP A 84 -15.11 -18.14 0.32
N VAL A 85 -14.36 -19.09 0.89
CA VAL A 85 -14.92 -20.30 1.47
C VAL A 85 -14.55 -20.38 2.94
N ALA A 86 -15.53 -20.70 3.78
CA ALA A 86 -15.33 -20.72 5.22
C ALA A 86 -14.42 -21.86 5.68
N PRO A 87 -13.79 -21.69 6.86
CA PRO A 87 -12.98 -22.73 7.48
C PRO A 87 -13.79 -24.00 7.70
N ASN A 88 -13.09 -25.12 7.87
CA ASN A 88 -13.71 -26.39 8.23
C ASN A 88 -14.75 -26.23 9.35
N ASN A 89 -15.91 -26.87 9.17
CA ASN A 89 -16.93 -26.95 10.21
C ASN A 89 -17.62 -25.64 10.60
N VAL A 90 -17.55 -24.64 9.73
CA VAL A 90 -18.21 -23.37 9.99
C VAL A 90 -19.47 -23.26 9.12
N GLN A 91 -20.62 -23.01 9.74
CA GLN A 91 -21.87 -22.94 8.99
C GLN A 91 -22.96 -22.30 9.83
N GLY A 92 -23.99 -21.79 9.17
CA GLY A 92 -25.09 -21.12 9.85
C GLY A 92 -25.30 -19.70 9.36
N ALA A 93 -26.26 -18.99 9.96
CA ALA A 93 -26.58 -17.62 9.56
C ALA A 93 -25.38 -16.68 9.66
N ILE A 94 -25.21 -15.81 8.68
CA ILE A 94 -24.14 -14.81 8.74
C ILE A 94 -24.63 -13.60 9.51
N THR A 95 -23.90 -13.23 10.56
CA THR A 95 -24.17 -11.99 11.29
C THR A 95 -23.03 -11.01 11.08
N LEU A 96 -23.37 -9.80 10.64
CA LEU A 96 -22.39 -8.74 10.44
C LEU A 96 -22.29 -7.88 11.69
N ILE A 97 -21.06 -7.53 12.09
CA ILE A 97 -20.86 -6.74 13.30
C ILE A 97 -19.73 -5.72 13.16
N TYR A 98 -19.93 -4.53 13.73
CA TYR A 98 -18.88 -3.53 13.83
C TYR A 98 -17.85 -4.00 14.86
N ASN A 99 -16.56 -3.84 14.57
CA ASN A 99 -15.53 -4.29 15.49
C ASN A 99 -15.24 -3.23 16.55
N ASP A 100 -15.68 -3.47 17.78
CA ASP A 100 -15.42 -2.54 18.89
C ASP A 100 -15.25 -3.35 20.17
N VAL A 101 -15.02 -2.65 21.28
CA VAL A 101 -14.88 -3.32 22.57
C VAL A 101 -16.27 -3.57 23.16
N PRO A 102 -16.51 -4.79 23.65
CA PRO A 102 -17.83 -5.08 24.23
C PRO A 102 -18.17 -4.06 25.31
N GLY A 103 -19.44 -3.67 25.36
CA GLY A 103 -19.87 -2.67 26.33
C GLY A 103 -19.58 -1.23 25.95
N THR A 104 -18.88 -1.01 24.84
CA THR A 104 -18.57 0.36 24.43
C THR A 104 -19.23 0.78 23.13
N TYR A 105 -20.25 0.05 22.69
CA TYR A 105 -20.91 0.39 21.42
C TYR A 105 -21.78 1.65 21.48
N GLY A 106 -22.06 2.13 22.69
CA GLY A 106 -23.06 3.17 22.87
C GLY A 106 -22.76 4.51 22.23
N ASN A 107 -21.48 4.83 22.08
CA ASN A 107 -21.08 6.09 21.49
C ASN A 107 -20.70 5.95 20.02
N ASN A 108 -21.07 4.82 19.41
CA ASN A 108 -20.75 4.59 18.01
C ASN A 108 -21.74 5.27 17.08
N SER A 109 -21.31 5.55 15.86
CA SER A 109 -22.21 6.21 14.92
C SER A 109 -21.89 5.79 13.50
N GLY A 110 -22.82 6.05 12.58
CA GLY A 110 -22.67 5.62 11.20
C GLY A 110 -23.00 4.15 11.00
N SER A 111 -22.77 3.65 9.79
CA SER A 111 -23.14 2.30 9.42
C SER A 111 -22.41 1.93 8.15
N PHE A 112 -22.38 0.63 7.86
CA PHE A 112 -21.85 0.15 6.58
C PHE A 112 -22.98 -0.46 5.77
N SER A 113 -22.91 -0.22 4.46
CA SER A 113 -23.83 -0.83 3.53
C SER A 113 -23.13 -2.06 2.97
N VAL A 114 -23.79 -3.21 3.05
CA VAL A 114 -23.12 -4.45 2.68
C VAL A 114 -23.97 -5.30 1.73
N ASN A 115 -23.33 -5.81 0.68
CA ASN A 115 -23.94 -6.85 -0.16
C ASN A 115 -23.28 -8.19 0.11
N ILE A 116 -24.10 -9.25 0.15
CA ILE A 116 -23.58 -10.63 0.22
C ILE A 116 -24.28 -11.48 -0.82
N GLY A 117 -23.51 -12.26 -1.57
CA GLY A 117 -24.09 -13.19 -2.51
C GLY A 117 -23.35 -14.51 -2.50
N LYS A 118 -24.00 -15.56 -3.00
CA LYS A 118 -23.35 -16.85 -3.15
C LYS A 118 -22.86 -17.03 -4.58
N ASP A 119 -21.64 -17.54 -4.72
CA ASP A 119 -20.99 -17.69 -6.01
C ASP A 119 -21.12 -19.12 -6.54
N GLN A 120 -20.81 -19.32 -7.82
CA GLN A 120 -20.94 -20.68 -8.33
C GLN A 120 -19.87 -21.62 -7.77
N SER A 121 -20.19 -22.91 -7.72
CA SER A 121 -19.28 -23.89 -7.17
C SER A 121 -19.51 -25.25 -7.83
N ALA B 1 -10.84 -14.31 -13.89
CA ALA B 1 -10.75 -13.25 -12.89
C ALA B 1 -9.34 -12.63 -12.87
N TRP B 2 -9.22 -11.46 -12.26
CA TRP B 2 -7.95 -10.74 -12.24
C TRP B 2 -7.68 -10.29 -10.82
N LYS B 3 -6.44 -10.44 -10.40
CA LYS B 3 -6.03 -10.00 -9.07
C LYS B 3 -4.70 -9.27 -9.18
N GLY B 4 -4.60 -8.13 -8.52
CA GLY B 4 -3.36 -7.40 -8.56
C GLY B 4 -3.42 -6.16 -7.69
N GLU B 5 -2.49 -5.25 -7.94
CA GLU B 5 -2.36 -4.08 -7.09
C GLU B 5 -2.16 -2.84 -7.96
N VAL B 6 -2.57 -1.69 -7.43
CA VAL B 6 -2.37 -0.42 -8.11
C VAL B 6 -1.64 0.52 -7.15
N LEU B 7 -0.55 1.12 -7.64
CA LEU B 7 0.23 2.06 -6.84
C LEU B 7 -0.44 3.42 -6.79
N ALA B 8 -0.46 4.02 -5.60
CA ALA B 8 -0.96 5.38 -5.45
C ALA B 8 -0.10 6.38 -6.22
N ASN B 9 1.17 6.07 -6.42
CA ASN B 9 2.06 7.01 -7.10
C ASN B 9 2.04 6.93 -8.62
N ASN B 10 1.25 6.02 -9.17
CA ASN B 10 1.24 5.84 -10.62
C ASN B 10 0.10 6.55 -11.35
N GLU B 11 0.38 7.68 -12.00
CA GLU B 11 -0.66 8.42 -12.72
C GLU B 11 -1.31 7.60 -13.82
N ALA B 12 -0.56 6.63 -14.36
CA ALA B 12 -1.01 5.79 -15.46
C ALA B 12 -1.97 4.70 -15.01
N GLY B 13 -1.97 4.40 -13.71
CA GLY B 13 -2.81 3.34 -13.17
C GLY B 13 -2.34 1.96 -13.58
N GLN B 14 -3.16 0.97 -13.28
CA GLN B 14 -2.84 -0.43 -13.56
C GLN B 14 -3.85 -0.99 -14.56
N VAL B 15 -3.36 -1.40 -15.73
CA VAL B 15 -4.22 -2.03 -16.72
C VAL B 15 -4.46 -3.48 -16.32
N THR B 16 -5.72 -3.91 -16.31
CA THR B 16 -6.02 -5.28 -15.91
C THR B 16 -6.28 -6.07 -17.17
N SER B 17 -6.54 -7.37 -16.98
CA SER B 17 -6.78 -8.27 -18.10
C SER B 17 -8.28 -8.40 -18.38
N ILE B 18 -9.08 -7.66 -17.62
CA ILE B 18 -10.52 -7.74 -17.78
C ILE B 18 -10.96 -6.82 -18.89
N ILE B 19 -11.57 -7.39 -19.93
CA ILE B 19 -12.23 -6.59 -20.95
C ILE B 19 -13.72 -6.57 -20.62
N TYR B 20 -14.23 -5.39 -20.24
CA TYR B 20 -15.66 -5.25 -19.97
C TYR B 20 -16.43 -5.17 -21.28
N ASN B 21 -17.34 -6.12 -21.50
CA ASN B 21 -18.14 -6.15 -22.73
C ASN B 21 -19.60 -5.85 -22.42
N PRO B 22 -20.34 -5.33 -23.41
CA PRO B 22 -21.76 -5.01 -23.21
C PRO B 22 -22.52 -6.21 -22.60
N GLY B 23 -23.25 -5.94 -21.52
CA GLY B 23 -24.02 -6.98 -20.85
C GLY B 23 -23.30 -7.61 -19.66
N ASP B 24 -21.98 -7.45 -19.61
CA ASP B 24 -21.20 -8.06 -18.54
C ASP B 24 -21.64 -7.59 -17.15
N VAL B 25 -21.68 -8.54 -16.24
CA VAL B 25 -21.89 -8.23 -14.82
C VAL B 25 -20.56 -8.51 -14.14
N ILE B 26 -20.05 -7.56 -13.36
CA ILE B 26 -18.78 -7.78 -12.68
C ILE B 26 -18.84 -7.48 -11.18
N THR B 27 -17.88 -8.05 -10.46
CA THR B 27 -17.72 -7.76 -9.06
C THR B 27 -16.28 -7.34 -8.82
N ILE B 28 -16.09 -6.28 -8.05
CA ILE B 28 -14.76 -5.82 -7.69
C ILE B 28 -14.70 -5.72 -6.18
N VAL B 29 -13.60 -6.18 -5.57
CA VAL B 29 -13.34 -5.91 -4.15
C VAL B 29 -11.95 -5.33 -4.03
N ALA B 30 -11.84 -4.18 -3.36
CA ALA B 30 -10.57 -3.49 -3.21
C ALA B 30 -10.27 -3.32 -1.74
N ALA B 31 -8.98 -3.38 -1.39
CA ALA B 31 -8.57 -3.14 -0.01
C ALA B 31 -7.21 -2.49 0.01
N GLY B 32 -6.78 -2.04 1.18
CA GLY B 32 -5.44 -1.52 1.34
C GLY B 32 -5.41 -0.10 1.82
N TRP B 33 -4.21 0.46 1.89
CA TRP B 33 -3.99 1.76 2.52
C TRP B 33 -3.08 2.59 1.63
N ALA B 34 -3.46 3.86 1.41
CA ALA B 34 -2.68 4.76 0.58
C ALA B 34 -2.80 6.19 1.04
N SER B 35 -1.88 7.03 0.59
CA SER B 35 -1.98 8.44 0.88
C SER B 35 -1.69 9.26 -0.34
N TYR B 36 -2.33 10.42 -0.42
CA TYR B 36 -2.10 11.36 -1.50
C TYR B 36 -1.12 12.44 -1.05
N GLY B 37 -0.41 12.21 0.04
CA GLY B 37 0.56 13.18 0.53
C GLY B 37 0.71 13.21 2.05
N PRO B 38 -0.41 13.42 2.77
CA PRO B 38 -0.38 13.50 4.23
C PRO B 38 0.15 12.24 4.92
N THR B 39 0.59 12.38 6.17
CA THR B 39 1.19 11.23 6.85
C THR B 39 0.20 10.09 7.08
N GLN B 40 -1.07 10.43 7.22
CA GLN B 40 -2.13 9.44 7.44
C GLN B 40 -2.34 8.62 6.16
N LYS B 41 -3.00 7.47 6.30
CA LYS B 41 -3.44 6.70 5.15
C LYS B 41 -4.94 6.50 5.19
N TRP B 42 -5.53 6.29 4.00
CA TRP B 42 -6.97 6.07 3.87
C TRP B 42 -7.22 4.80 3.06
N GLY B 43 -8.42 4.24 3.23
CA GLY B 43 -8.79 3.07 2.44
C GLY B 43 -9.26 3.48 1.05
N PRO B 44 -9.78 2.52 0.28
CA PRO B 44 -10.17 2.74 -1.12
C PRO B 44 -11.29 3.75 -1.32
N GLN B 45 -11.94 4.20 -0.25
CA GLN B 45 -12.97 5.25 -0.38
C GLN B 45 -12.34 6.64 -0.33
N GLY B 46 -11.06 6.69 0.03
CA GLY B 46 -10.35 7.95 0.13
C GLY B 46 -10.66 8.77 1.37
N ASP B 47 -10.44 10.08 1.26
CA ASP B 47 -10.54 11.03 2.37
C ASP B 47 -11.80 11.88 2.19
N ARG B 48 -12.82 11.56 2.98
CA ARG B 48 -14.11 12.21 2.83
C ARG B 48 -14.07 13.66 3.29
N GLU B 49 -12.96 14.08 3.91
CA GLU B 49 -12.84 15.45 4.43
C GLU B 49 -12.04 16.38 3.54
N HIS B 50 -11.47 15.84 2.47
CA HIS B 50 -10.56 16.59 1.60
C HIS B 50 -11.28 17.19 0.39
N PRO B 51 -11.02 18.48 0.11
CA PRO B 51 -11.68 19.12 -1.03
C PRO B 51 -11.16 18.59 -2.37
N ASP B 52 -11.96 18.76 -3.41
CA ASP B 52 -11.61 18.38 -4.77
C ASP B 52 -10.87 19.52 -5.46
N GLN B 53 -9.56 19.36 -5.62
CA GLN B 53 -8.72 20.39 -6.23
C GLN B 53 -8.36 20.09 -7.69
N GLY B 54 -9.22 19.33 -8.37
CA GLY B 54 -8.99 18.96 -9.75
C GLY B 54 -8.72 17.47 -9.92
N LEU B 55 -9.47 16.65 -9.19
CA LEU B 55 -9.29 15.20 -9.19
C LEU B 55 -9.59 14.57 -10.56
N ILE B 56 -8.96 13.44 -10.87
CA ILE B 56 -9.24 12.77 -12.15
C ILE B 56 -10.66 12.24 -12.15
N CYS B 57 -11.25 12.09 -10.97
CA CYS B 57 -12.65 11.67 -10.84
C CYS B 57 -13.35 12.55 -9.84
N HIS B 58 -14.29 13.38 -10.30
CA HIS B 58 -15.01 14.29 -9.43
C HIS B 58 -16.13 13.60 -8.66
N ASP B 59 -16.36 12.32 -8.95
CA ASP B 59 -17.46 11.58 -8.31
C ASP B 59 -16.97 10.67 -7.18
N ALA B 60 -15.70 10.80 -6.81
CA ALA B 60 -15.13 10.05 -5.71
C ALA B 60 -14.16 10.95 -4.96
N PHE B 61 -13.86 10.59 -3.72
CA PHE B 61 -13.01 11.43 -2.88
C PHE B 61 -11.56 11.33 -3.33
N CYS B 62 -10.77 12.34 -2.99
CA CYS B 62 -9.33 12.26 -3.19
C CYS B 62 -8.84 11.02 -2.43
N GLY B 63 -8.05 10.19 -3.09
CA GLY B 63 -7.49 9.00 -2.47
C GLY B 63 -8.33 7.77 -2.66
N ALA B 64 -9.44 7.90 -3.40
CA ALA B 64 -10.30 6.76 -3.68
C ALA B 64 -9.78 5.96 -4.86
N LEU B 65 -10.20 4.71 -4.95
CA LEU B 65 -9.93 3.91 -6.14
C LEU B 65 -10.97 4.18 -7.21
N VAL B 66 -10.51 4.44 -8.43
CA VAL B 66 -11.43 4.61 -9.54
C VAL B 66 -10.95 3.77 -10.72
N MET B 67 -11.71 3.80 -11.80
CA MET B 67 -11.33 3.01 -12.96
C MET B 67 -11.78 3.70 -14.24
N LYS B 68 -11.20 3.26 -15.34
CA LYS B 68 -11.70 3.57 -16.66
C LYS B 68 -11.97 2.25 -17.35
N ILE B 69 -13.00 2.23 -18.19
CA ILE B 69 -13.30 1.08 -19.02
C ILE B 69 -13.11 1.55 -20.46
N GLY B 70 -12.08 1.03 -21.12
CA GLY B 70 -11.72 1.49 -22.45
C GLY B 70 -11.39 2.97 -22.35
N ASN B 71 -12.03 3.78 -23.19
CA ASN B 71 -11.77 5.21 -23.17
C ASN B 71 -12.89 6.00 -22.48
N SER B 72 -13.53 5.36 -21.51
CA SER B 72 -14.59 6.00 -20.74
C SER B 72 -14.00 7.09 -19.83
N GLY B 73 -14.89 7.85 -19.22
CA GLY B 73 -14.48 8.77 -18.16
C GLY B 73 -14.20 7.94 -16.93
N THR B 74 -13.64 8.56 -15.89
CA THR B 74 -13.38 7.84 -14.66
C THR B 74 -14.69 7.40 -14.00
N ILE B 75 -14.66 6.21 -13.39
CA ILE B 75 -15.83 5.63 -12.72
C ILE B 75 -15.42 5.22 -11.31
N PRO B 76 -16.18 5.65 -10.29
CA PRO B 76 -15.73 5.31 -8.94
C PRO B 76 -15.82 3.82 -8.69
N VAL B 77 -14.82 3.29 -7.98
CA VAL B 77 -14.83 1.89 -7.58
C VAL B 77 -14.96 1.86 -6.05
N ASN B 78 -14.25 2.76 -5.38
CA ASN B 78 -14.21 2.75 -3.91
C ASN B 78 -13.86 1.36 -3.38
N THR B 79 -14.63 0.83 -2.43
CA THR B 79 -14.30 -0.47 -1.84
C THR B 79 -14.66 -1.61 -2.79
N GLY B 80 -15.41 -1.29 -3.84
CA GLY B 80 -15.78 -2.33 -4.80
C GLY B 80 -17.17 -2.17 -5.37
N LEU B 81 -17.50 -3.08 -6.28
CA LEU B 81 -18.77 -3.08 -6.96
C LEU B 81 -19.30 -4.49 -6.90
N PHE B 82 -20.59 -4.62 -6.58
CA PHE B 82 -21.20 -5.93 -6.38
C PHE B 82 -22.19 -6.20 -7.51
N ARG B 83 -21.87 -7.19 -8.35
CA ARG B 83 -22.72 -7.57 -9.48
C ARG B 83 -23.20 -6.37 -10.27
N TRP B 84 -22.22 -5.61 -10.74
CA TRP B 84 -22.42 -4.29 -11.32
C TRP B 84 -22.46 -4.35 -12.84
N VAL B 85 -23.42 -3.66 -13.43
CA VAL B 85 -23.48 -3.51 -14.88
C VAL B 85 -23.24 -2.04 -15.24
N ALA B 86 -22.39 -1.82 -16.23
CA ALA B 86 -21.96 -0.47 -16.61
C ALA B 86 -23.06 0.37 -17.27
N PRO B 87 -22.81 1.69 -17.41
CA PRO B 87 -23.60 2.61 -18.25
C PRO B 87 -23.56 2.17 -19.71
N ASN B 88 -24.68 2.34 -20.40
CA ASN B 88 -24.83 1.87 -21.77
C ASN B 88 -23.58 2.10 -22.62
N ASN B 89 -23.31 1.17 -23.51
CA ASN B 89 -22.23 1.28 -24.48
C ASN B 89 -20.80 1.08 -23.94
N VAL B 90 -20.54 1.57 -22.72
CA VAL B 90 -19.20 1.48 -22.13
C VAL B 90 -18.57 0.09 -22.33
N GLN B 91 -17.34 0.05 -22.85
CA GLN B 91 -16.67 -1.24 -23.08
C GLN B 91 -15.18 -1.11 -23.29
N GLY B 92 -14.44 -2.17 -22.97
CA GLY B 92 -13.00 -2.21 -23.16
C GLY B 92 -12.26 -2.60 -21.89
N ALA B 93 -10.93 -2.56 -21.94
CA ALA B 93 -10.10 -2.99 -20.82
C ALA B 93 -10.31 -2.13 -19.58
N ILE B 94 -10.29 -2.75 -18.40
CA ILE B 94 -10.41 -2.01 -17.16
C ILE B 94 -9.02 -1.58 -16.69
N THR B 95 -8.86 -0.28 -16.48
CA THR B 95 -7.65 0.25 -15.88
C THR B 95 -8.05 0.83 -14.53
N LEU B 96 -7.29 0.45 -13.49
CA LEU B 96 -7.53 0.90 -12.13
C LEU B 96 -6.62 2.07 -11.85
N ILE B 97 -7.14 3.10 -11.18
CA ILE B 97 -6.38 4.31 -10.95
C ILE B 97 -6.64 4.91 -9.56
N TYR B 98 -5.58 5.40 -8.94
CA TYR B 98 -5.70 6.16 -7.69
C TYR B 98 -6.20 7.58 -8.02
N ASN B 99 -7.22 8.02 -7.28
CA ASN B 99 -7.79 9.35 -7.49
C ASN B 99 -6.99 10.48 -6.85
N ASP B 100 -6.24 11.21 -7.67
CA ASP B 100 -5.52 12.40 -7.19
C ASP B 100 -5.55 13.44 -8.32
N VAL B 101 -4.97 14.60 -8.05
CA VAL B 101 -4.89 15.66 -9.04
C VAL B 101 -3.70 15.42 -9.97
N PRO B 102 -3.92 15.45 -11.29
CA PRO B 102 -2.79 15.17 -12.18
C PRO B 102 -1.61 16.09 -11.88
N GLY B 103 -0.39 15.55 -11.88
CA GLY B 103 0.80 16.35 -11.64
C GLY B 103 1.25 16.32 -10.20
N THR B 104 0.39 15.81 -9.31
CA THR B 104 0.69 15.83 -7.87
C THR B 104 0.87 14.45 -7.27
N TYR B 105 1.04 13.43 -8.10
CA TYR B 105 1.19 12.07 -7.56
C TYR B 105 2.58 11.84 -6.95
N GLY B 106 3.44 12.84 -7.00
CA GLY B 106 4.82 12.68 -6.57
C GLY B 106 5.00 12.36 -5.09
N ASN B 107 4.06 12.80 -4.27
CA ASN B 107 4.16 12.55 -2.84
C ASN B 107 3.20 11.45 -2.36
N ASN B 108 2.72 10.63 -3.28
CA ASN B 108 1.78 9.55 -2.96
C ASN B 108 2.46 8.27 -2.48
N SER B 109 1.78 7.51 -1.64
CA SER B 109 2.31 6.24 -1.18
C SER B 109 1.22 5.20 -0.92
N GLY B 110 1.63 3.95 -0.81
CA GLY B 110 0.69 2.87 -0.57
C GLY B 110 0.08 2.38 -1.86
N SER B 111 -0.85 1.43 -1.73
CA SER B 111 -1.43 0.79 -2.89
C SER B 111 -2.72 0.10 -2.46
N PHE B 112 -3.55 -0.21 -3.44
CA PHE B 112 -4.75 -0.99 -3.17
C PHE B 112 -4.62 -2.34 -3.87
N SER B 113 -5.12 -3.35 -3.18
CA SER B 113 -5.15 -4.71 -3.69
C SER B 113 -6.56 -4.92 -4.21
N VAL B 114 -6.69 -5.45 -5.43
CA VAL B 114 -7.99 -5.52 -6.08
C VAL B 114 -8.24 -6.89 -6.75
N ASN B 115 -9.43 -7.44 -6.54
CA ASN B 115 -9.90 -8.62 -7.27
C ASN B 115 -11.06 -8.18 -8.15
N ILE B 116 -11.08 -8.64 -9.41
CA ILE B 116 -12.19 -8.39 -10.32
C ILE B 116 -12.57 -9.72 -10.95
N GLY B 117 -13.85 -10.01 -11.04
CA GLY B 117 -14.31 -11.19 -11.74
C GLY B 117 -15.62 -10.94 -12.45
N LYS B 118 -15.90 -11.69 -13.52
CA LYS B 118 -17.20 -11.59 -14.16
C LYS B 118 -18.19 -12.54 -13.50
N ASP B 119 -19.44 -12.08 -13.37
CA ASP B 119 -20.49 -12.86 -12.74
C ASP B 119 -21.39 -13.46 -13.79
N GLN B 120 -22.35 -14.26 -13.37
CA GLN B 120 -23.25 -14.86 -14.34
C GLN B 120 -24.24 -13.80 -14.80
N SER B 121 -24.72 -13.95 -16.03
CA SER B 121 -25.65 -13.00 -16.62
C SER B 121 -26.46 -13.67 -17.72
N ALA C 1 2.91 0.65 -18.13
CA ALA C 1 3.81 1.80 -18.03
C ALA C 1 3.61 2.51 -16.71
N TRP C 2 4.55 3.36 -16.37
CA TRP C 2 4.45 4.15 -15.15
C TRP C 2 4.57 5.62 -15.52
N LYS C 3 3.76 6.45 -14.86
CA LYS C 3 3.80 7.89 -15.03
C LYS C 3 3.64 8.55 -13.66
N GLY C 4 4.48 9.53 -13.38
CA GLY C 4 4.42 10.17 -12.09
C GLY C 4 5.48 11.24 -11.92
N GLU C 5 5.75 11.58 -10.67
CA GLU C 5 6.75 12.60 -10.37
C GLU C 5 7.74 12.15 -9.29
N VAL C 6 8.94 12.69 -9.36
CA VAL C 6 10.01 12.36 -8.43
C VAL C 6 10.35 13.61 -7.65
N LEU C 7 10.10 13.61 -6.33
CA LEU C 7 10.36 14.80 -5.50
C LEU C 7 11.86 14.98 -5.26
N ALA C 8 12.36 16.18 -5.48
CA ALA C 8 13.78 16.45 -5.30
C ALA C 8 14.22 16.24 -3.85
N ASN C 9 13.29 16.43 -2.92
CA ASN C 9 13.63 16.36 -1.50
C ASN C 9 13.49 14.97 -0.87
N ASN C 10 13.20 13.97 -1.68
CA ASN C 10 13.05 12.61 -1.16
C ASN C 10 14.34 11.82 -1.29
N GLU C 11 15.09 11.68 -0.19
CA GLU C 11 16.38 11.01 -0.27
C GLU C 11 16.27 9.57 -0.73
N ALA C 12 15.16 8.93 -0.38
CA ALA C 12 14.93 7.52 -0.74
C ALA C 12 14.49 7.31 -2.19
N GLY C 13 14.20 8.40 -2.88
CA GLY C 13 13.78 8.29 -4.27
C GLY C 13 12.33 7.84 -4.41
N GLN C 14 11.94 7.56 -5.64
CA GLN C 14 10.56 7.24 -5.96
C GLN C 14 10.55 5.84 -6.57
N VAL C 15 10.01 4.86 -5.83
CA VAL C 15 10.00 3.47 -6.31
C VAL C 15 8.81 3.26 -7.24
N THR C 16 9.09 3.02 -8.51
CA THR C 16 8.03 2.87 -9.50
C THR C 16 7.50 1.43 -9.53
N SER C 17 6.49 1.21 -10.35
CA SER C 17 5.92 -0.13 -10.54
C SER C 17 6.67 -0.93 -11.60
N ILE C 18 7.65 -0.31 -12.24
CA ILE C 18 8.39 -1.02 -13.29
C ILE C 18 9.43 -1.95 -12.69
N ILE C 19 9.32 -3.24 -13.01
CA ILE C 19 10.36 -4.19 -12.65
C ILE C 19 11.19 -4.48 -13.90
N TYR C 20 12.44 -4.05 -13.91
CA TYR C 20 13.31 -4.32 -15.04
C TYR C 20 13.83 -5.77 -15.01
N ASN C 21 13.53 -6.52 -16.07
CA ASN C 21 13.96 -7.91 -16.19
C ASN C 21 15.01 -8.07 -17.29
N PRO C 22 15.86 -9.13 -17.18
CA PRO C 22 16.87 -9.34 -18.22
C PRO C 22 16.27 -9.27 -19.63
N GLY C 23 16.95 -8.57 -20.53
CA GLY C 23 16.49 -8.44 -21.89
C GLY C 23 15.52 -7.30 -22.15
N ASP C 24 14.88 -6.78 -21.10
CA ASP C 24 13.94 -5.68 -21.27
C ASP C 24 14.58 -4.49 -22.00
N VAL C 25 13.78 -3.84 -22.83
CA VAL C 25 14.20 -2.58 -23.45
C VAL C 25 13.27 -1.52 -22.89
N ILE C 26 13.82 -0.45 -22.33
CA ILE C 26 12.96 0.57 -21.75
C ILE C 26 13.18 1.95 -22.33
N THR C 27 12.13 2.75 -22.30
CA THR C 27 12.23 4.18 -22.58
C THR C 27 11.79 5.01 -21.37
N ILE C 28 12.60 6.01 -21.02
CA ILE C 28 12.23 6.98 -19.99
C ILE C 28 12.30 8.39 -20.57
N VAL C 29 11.29 9.19 -20.30
CA VAL C 29 11.32 10.62 -20.63
C VAL C 29 11.06 11.42 -19.36
N ALA C 30 11.94 12.36 -19.06
CA ALA C 30 11.83 13.15 -17.84
C ALA C 30 11.81 14.64 -18.17
N ALA C 31 10.99 15.39 -17.44
CA ALA C 31 10.88 16.83 -17.64
C ALA C 31 10.70 17.55 -16.29
N GLY C 32 10.75 18.86 -16.28
CA GLY C 32 10.47 19.59 -15.05
C GLY C 32 11.64 20.39 -14.50
N TRP C 33 11.44 20.97 -13.33
CA TRP C 33 12.40 21.90 -12.74
C TRP C 33 12.55 21.61 -11.26
N ALA C 34 13.79 21.52 -10.79
CA ALA C 34 14.01 21.19 -9.38
C ALA C 34 15.28 21.84 -8.86
N SER C 35 15.44 21.84 -7.54
CA SER C 35 16.60 22.47 -6.92
C SER C 35 17.18 21.68 -5.76
N TYR C 36 18.50 21.72 -5.63
CA TYR C 36 19.17 21.11 -4.50
C TYR C 36 19.32 22.09 -3.33
N GLY C 37 18.71 23.27 -3.43
CA GLY C 37 18.72 24.23 -2.34
C GLY C 37 18.49 25.68 -2.75
N PRO C 38 19.28 26.16 -3.72
CA PRO C 38 19.12 27.55 -4.19
C PRO C 38 17.73 27.86 -4.74
N THR C 39 17.44 29.16 -4.89
CA THR C 39 16.14 29.58 -5.43
C THR C 39 15.98 29.31 -6.94
N GLN C 40 17.09 29.23 -7.67
CA GLN C 40 17.06 28.83 -9.08
C GLN C 40 16.58 27.39 -9.18
N LYS C 41 16.16 26.99 -10.37
CA LYS C 41 15.85 25.58 -10.62
C LYS C 41 16.52 25.11 -11.90
N TRP C 42 16.75 23.80 -11.99
CA TRP C 42 17.39 23.19 -13.13
C TRP C 42 16.54 22.03 -13.63
N GLY C 43 16.72 21.67 -14.90
CA GLY C 43 16.04 20.52 -15.46
C GLY C 43 16.71 19.21 -15.11
N PRO C 44 16.27 18.10 -15.74
CA PRO C 44 16.70 16.75 -15.33
C PRO C 44 18.18 16.45 -15.54
N GLN C 45 18.93 17.31 -16.24
CA GLN C 45 20.38 17.11 -16.35
C GLN C 45 21.12 17.80 -15.22
N GLY C 46 20.38 18.56 -14.41
CA GLY C 46 20.96 19.21 -13.25
C GLY C 46 21.81 20.42 -13.57
N ASP C 47 22.73 20.74 -12.67
CA ASP C 47 23.50 21.98 -12.73
C ASP C 47 24.93 21.72 -13.21
N ARG C 48 25.22 22.05 -14.46
CA ARG C 48 26.52 21.72 -15.05
C ARG C 48 27.65 22.55 -14.45
N GLU C 49 27.30 23.61 -13.74
CA GLU C 49 28.31 24.50 -13.17
C GLU C 49 28.65 24.14 -11.72
N HIS C 50 27.93 23.18 -11.15
CA HIS C 50 28.05 22.90 -9.72
C HIS C 50 29.06 21.78 -9.42
N PRO C 51 29.96 22.01 -8.46
CA PRO C 51 30.92 20.98 -8.08
C PRO C 51 30.27 19.77 -7.41
N ASP C 52 30.87 18.60 -7.59
CA ASP C 52 30.43 17.37 -6.92
C ASP C 52 30.94 17.42 -5.49
N GLN C 53 30.02 17.55 -4.54
CA GLN C 53 30.38 17.56 -3.12
C GLN C 53 30.09 16.24 -2.42
N GLY C 54 30.01 15.15 -3.18
CA GLY C 54 29.70 13.84 -2.62
C GLY C 54 28.34 13.34 -3.06
N LEU C 55 28.06 13.48 -4.35
CA LEU C 55 26.78 13.07 -4.93
C LEU C 55 26.57 11.57 -4.88
N ILE C 56 25.31 11.13 -4.83
CA ILE C 56 25.01 9.71 -4.89
C ILE C 56 25.36 9.12 -6.26
N CYS C 57 25.47 9.98 -7.28
CA CYS C 57 25.93 9.57 -8.60
C CYS C 57 27.00 10.51 -9.12
N HIS C 58 28.24 10.02 -9.20
CA HIS C 58 29.35 10.86 -9.64
C HIS C 58 29.38 11.05 -11.14
N ASP C 59 28.55 10.27 -11.84
CA ASP C 59 28.50 10.32 -13.29
C ASP C 59 27.40 11.24 -13.81
N ALA C 60 26.79 12.00 -12.92
CA ALA C 60 25.78 13.00 -13.33
C ALA C 60 25.98 14.26 -12.51
N PHE C 61 25.47 15.39 -13.00
CA PHE C 61 25.57 16.64 -12.25
C PHE C 61 24.65 16.63 -11.03
N CYS C 62 24.97 17.46 -10.07
CA CYS C 62 24.08 17.70 -8.95
C CYS C 62 22.75 18.23 -9.49
N GLY C 63 21.64 17.66 -9.03
CA GLY C 63 20.33 18.08 -9.48
C GLY C 63 19.84 17.28 -10.68
N ALA C 64 20.65 16.31 -11.12
CA ALA C 64 20.24 15.43 -12.23
C ALA C 64 19.28 14.33 -11.77
N LEU C 65 18.53 13.76 -12.71
CA LEU C 65 17.72 12.58 -12.42
C LEU C 65 18.56 11.33 -12.64
N VAL C 66 18.60 10.45 -11.63
CA VAL C 66 19.27 9.17 -11.77
C VAL C 66 18.35 8.06 -11.29
N MET C 67 18.81 6.81 -11.38
CA MET C 67 18.00 5.69 -10.93
C MET C 67 18.84 4.56 -10.37
N LYS C 68 18.20 3.70 -9.59
CA LYS C 68 18.73 2.37 -9.34
C LYS C 68 17.75 1.32 -9.84
N ILE C 69 18.27 0.18 -10.25
CA ILE C 69 17.44 -0.94 -10.64
C ILE C 69 17.76 -2.07 -9.65
N GLY C 70 16.76 -2.52 -8.91
CA GLY C 70 17.03 -3.44 -7.81
C GLY C 70 18.03 -2.79 -6.88
N ASN C 71 19.10 -3.50 -6.56
CA ASN C 71 20.15 -2.95 -5.71
C ASN C 71 21.40 -2.56 -6.50
N SER C 72 21.22 -2.12 -7.74
CA SER C 72 22.34 -1.65 -8.53
C SER C 72 22.91 -0.37 -7.89
N GLY C 73 24.07 0.07 -8.37
CA GLY C 73 24.55 1.40 -8.06
C GLY C 73 23.71 2.40 -8.85
N THR C 74 23.92 3.68 -8.61
CA THR C 74 23.14 4.70 -9.32
C THR C 74 23.46 4.74 -10.81
N ILE C 75 22.43 4.96 -11.61
CA ILE C 75 22.59 5.06 -13.07
C ILE C 75 22.01 6.40 -13.55
N PRO C 76 22.81 7.20 -14.26
CA PRO C 76 22.31 8.47 -14.80
C PRO C 76 21.09 8.28 -15.70
N VAL C 77 20.07 9.11 -15.50
CA VAL C 77 18.92 9.14 -16.40
C VAL C 77 18.88 10.44 -17.18
N ASN C 78 19.14 11.55 -16.50
CA ASN C 78 19.11 12.86 -17.13
C ASN C 78 17.75 13.10 -17.79
N THR C 79 17.74 13.56 -19.03
CA THR C 79 16.46 13.81 -19.73
C THR C 79 15.70 12.52 -20.09
N GLY C 80 16.40 11.39 -20.05
CA GLY C 80 15.75 10.13 -20.36
C GLY C 80 16.63 9.10 -21.00
N LEU C 81 16.05 7.93 -21.27
CA LEU C 81 16.75 6.83 -21.92
C LEU C 81 15.90 6.37 -23.10
N PHE C 82 16.52 6.22 -24.27
CA PHE C 82 15.79 5.86 -25.48
C PHE C 82 16.07 4.41 -25.84
N ARG C 83 15.06 3.56 -25.70
CA ARG C 83 15.20 2.14 -26.07
C ARG C 83 16.47 1.52 -25.48
N TRP C 84 16.52 1.55 -24.16
CA TRP C 84 17.74 1.34 -23.41
C TRP C 84 17.74 -0.07 -22.81
N VAL C 85 18.91 -0.69 -22.82
CA VAL C 85 19.07 -2.00 -22.20
C VAL C 85 20.11 -1.90 -21.09
N ALA C 86 19.82 -2.55 -19.96
CA ALA C 86 20.67 -2.47 -18.78
C ALA C 86 21.92 -3.32 -18.91
N PRO C 87 22.93 -3.05 -18.06
CA PRO C 87 24.14 -3.89 -17.99
C PRO C 87 23.81 -5.30 -17.51
N ASN C 88 24.71 -6.24 -17.76
CA ASN C 88 24.48 -7.62 -17.36
C ASN C 88 24.22 -7.75 -15.86
N ASN C 89 23.36 -8.69 -15.49
CA ASN C 89 23.07 -8.98 -14.09
C ASN C 89 22.41 -7.85 -13.32
N VAL C 90 21.92 -6.83 -14.04
CA VAL C 90 21.16 -5.75 -13.41
C VAL C 90 19.67 -6.00 -13.62
N GLN C 91 18.89 -6.04 -12.54
CA GLN C 91 17.47 -6.33 -12.62
C GLN C 91 16.73 -5.95 -11.34
N GLY C 92 15.42 -5.73 -11.45
CA GLY C 92 14.58 -5.41 -10.31
C GLY C 92 13.78 -4.12 -10.48
N ALA C 93 13.18 -3.65 -9.38
CA ALA C 93 12.35 -2.46 -9.39
C ALA C 93 13.17 -1.23 -9.74
N ILE C 94 12.61 -0.34 -10.56
CA ILE C 94 13.27 0.92 -10.88
C ILE C 94 12.89 1.97 -9.85
N THR C 95 13.90 2.47 -9.14
CA THR C 95 13.72 3.59 -8.23
C THR C 95 14.35 4.82 -8.88
N LEU C 96 13.57 5.90 -8.95
CA LEU C 96 14.07 7.15 -9.50
C LEU C 96 14.55 8.02 -8.36
N ILE C 97 15.68 8.71 -8.54
CA ILE C 97 16.24 9.53 -7.48
C ILE C 97 16.82 10.85 -7.99
N TYR C 98 16.62 11.91 -7.23
CA TYR C 98 17.25 13.20 -7.48
C TYR C 98 18.70 13.09 -6.99
N ASN C 99 19.64 13.56 -7.81
CA ASN C 99 21.04 13.46 -7.47
C ASN C 99 21.47 14.60 -6.52
N ASP C 100 21.72 14.29 -5.26
CA ASP C 100 22.20 15.30 -4.30
C ASP C 100 23.16 14.59 -3.36
N VAL C 101 23.72 15.33 -2.41
CA VAL C 101 24.62 14.74 -1.42
C VAL C 101 23.81 14.10 -0.29
N PRO C 102 24.16 12.86 0.12
CA PRO C 102 23.41 12.23 1.21
C PRO C 102 23.35 13.10 2.46
N GLY C 103 22.18 13.14 3.10
CA GLY C 103 21.98 13.96 4.28
C GLY C 103 21.65 15.41 3.98
N THR C 104 21.55 15.76 2.69
CA THR C 104 21.28 17.15 2.34
C THR C 104 20.01 17.35 1.50
N TYR C 105 19.14 16.35 1.46
CA TYR C 105 17.92 16.44 0.65
C TYR C 105 16.85 17.35 1.24
N GLY C 106 17.02 17.70 2.51
CA GLY C 106 15.97 18.40 3.24
C GLY C 106 15.61 19.79 2.74
N ASN C 107 16.55 20.47 2.06
CA ASN C 107 16.27 21.81 1.54
C ASN C 107 15.98 21.82 0.04
N ASN C 108 15.74 20.64 -0.52
CA ASN C 108 15.48 20.55 -1.95
C ASN C 108 14.06 20.97 -2.28
N SER C 109 13.81 21.33 -3.54
CA SER C 109 12.46 21.73 -3.95
C SER C 109 12.16 21.35 -5.39
N GLY C 110 10.87 21.24 -5.71
CA GLY C 110 10.45 20.88 -7.05
C GLY C 110 10.47 19.39 -7.29
N SER C 111 10.21 19.00 -8.53
CA SER C 111 10.11 17.59 -8.88
C SER C 111 10.35 17.45 -10.37
N PHE C 112 10.57 16.22 -10.82
CA PHE C 112 10.60 15.92 -12.25
C PHE C 112 9.41 15.02 -12.56
N SER C 113 8.78 15.30 -13.70
CA SER C 113 7.70 14.49 -14.22
C SER C 113 8.34 13.43 -15.11
N VAL C 114 7.95 12.16 -14.93
CA VAL C 114 8.62 11.06 -15.61
C VAL C 114 7.66 10.00 -16.15
N ASN C 115 7.90 9.57 -17.39
CA ASN C 115 7.24 8.41 -17.98
C ASN C 115 8.24 7.30 -18.13
N ILE C 116 7.84 6.08 -17.79
CA ILE C 116 8.62 4.88 -18.08
C ILE C 116 7.76 3.83 -18.75
N GLY C 117 8.24 3.29 -19.85
CA GLY C 117 7.56 2.19 -20.52
C GLY C 117 8.54 1.14 -20.99
N LYS C 118 8.05 -0.09 -21.14
CA LYS C 118 8.82 -1.13 -21.77
C LYS C 118 8.55 -1.11 -23.27
N ASP C 119 9.62 -1.26 -24.05
CA ASP C 119 9.53 -1.21 -25.50
C ASP C 119 9.48 -2.61 -26.05
N GLN C 120 9.27 -2.75 -27.35
CA GLN C 120 9.21 -4.08 -27.91
C GLN C 120 10.64 -4.64 -27.98
N SER C 121 10.77 -5.95 -27.80
CA SER C 121 12.10 -6.58 -27.75
C SER C 121 12.02 -8.03 -28.18
N ALA D 1 12.97 -21.35 5.20
CA ALA D 1 13.35 -20.36 6.21
C ALA D 1 14.43 -19.44 5.67
N TRP D 2 14.58 -18.28 6.30
CA TRP D 2 15.55 -17.28 5.87
C TRP D 2 16.31 -16.79 7.10
N LYS D 3 17.62 -16.58 6.95
CA LYS D 3 18.39 -15.95 8.02
C LYS D 3 19.32 -14.91 7.42
N GLY D 4 19.41 -13.75 8.02
CA GLY D 4 20.29 -12.73 7.51
C GLY D 4 20.39 -11.53 8.41
N GLU D 5 20.97 -10.47 7.87
CA GLU D 5 21.18 -9.24 8.62
C GLU D 5 20.40 -8.09 8.02
N VAL D 6 19.97 -7.19 8.88
CA VAL D 6 19.33 -5.95 8.46
C VAL D 6 20.18 -4.83 9.02
N LEU D 7 20.80 -4.02 8.16
CA LEU D 7 21.63 -2.90 8.62
C LEU D 7 20.75 -1.71 8.97
N ALA D 8 21.10 -1.03 10.06
CA ALA D 8 20.32 0.10 10.53
C ALA D 8 20.35 1.28 9.56
N ASN D 9 21.43 1.40 8.78
CA ASN D 9 21.53 2.52 7.85
C ASN D 9 20.93 2.24 6.46
N ASN D 10 20.29 1.08 6.32
CA ASN D 10 19.67 0.71 5.04
C ASN D 10 18.24 1.25 4.96
N GLU D 11 18.07 2.40 4.32
CA GLU D 11 16.76 3.05 4.30
C GLU D 11 15.67 2.27 3.54
N ALA D 12 16.06 1.57 2.48
CA ALA D 12 15.09 0.85 1.66
C ALA D 12 14.76 -0.51 2.27
N GLY D 13 15.56 -0.92 3.25
CA GLY D 13 15.32 -2.18 3.94
C GLY D 13 16.00 -3.37 3.30
N GLN D 14 15.99 -4.49 4.01
CA GLN D 14 16.56 -5.74 3.54
C GLN D 14 15.46 -6.68 3.05
N VAL D 15 15.42 -6.94 1.75
CA VAL D 15 14.45 -7.87 1.21
C VAL D 15 14.87 -9.30 1.57
N THR D 16 13.92 -10.11 2.04
CA THR D 16 14.21 -11.51 2.36
C THR D 16 13.67 -12.44 1.29
N SER D 17 13.95 -13.72 1.44
CA SER D 17 13.49 -14.72 0.49
C SER D 17 12.09 -15.23 0.85
N ILE D 18 11.56 -14.77 1.98
CA ILE D 18 10.25 -15.19 2.43
C ILE D 18 9.14 -14.48 1.67
N ILE D 19 8.31 -15.25 0.96
CA ILE D 19 7.12 -14.66 0.36
C ILE D 19 5.94 -15.01 1.24
N TYR D 20 5.38 -14.02 1.92
CA TYR D 20 4.23 -14.28 2.77
C TYR D 20 2.98 -14.47 1.90
N ASN D 21 2.36 -15.65 2.02
CA ASN D 21 1.14 -15.95 1.29
C ASN D 21 -0.07 -16.04 2.22
N PRO D 22 -1.28 -15.82 1.69
CA PRO D 22 -2.46 -15.83 2.54
C PRO D 22 -2.58 -17.13 3.33
N GLY D 23 -2.86 -16.98 4.61
CA GLY D 23 -3.00 -18.13 5.49
C GLY D 23 -1.71 -18.52 6.18
N ASP D 24 -0.58 -17.98 5.72
CA ASP D 24 0.70 -18.41 6.28
C ASP D 24 0.80 -18.03 7.75
N VAL D 25 1.39 -18.91 8.54
CA VAL D 25 1.76 -18.57 9.89
C VAL D 25 3.27 -18.45 9.92
N ILE D 26 3.79 -17.38 10.51
CA ILE D 26 5.25 -17.22 10.57
C ILE D 26 5.81 -16.95 11.97
N THR D 27 7.08 -17.31 12.13
CA THR D 27 7.82 -16.97 13.34
C THR D 27 9.06 -16.18 12.94
N ILE D 28 9.33 -15.13 13.70
CA ILE D 28 10.53 -14.31 13.50
C ILE D 28 11.23 -14.14 14.85
N VAL D 29 12.55 -14.30 14.87
CA VAL D 29 13.33 -13.95 16.04
C VAL D 29 14.46 -13.03 15.59
N ALA D 30 14.57 -11.87 16.24
CA ALA D 30 15.57 -10.87 15.88
C ALA D 30 16.46 -10.58 17.09
N ALA D 31 17.76 -10.43 16.84
CA ALA D 31 18.73 -10.16 17.91
C ALA D 31 19.75 -9.10 17.46
N GLY D 32 20.46 -8.50 18.41
CA GLY D 32 21.56 -7.64 18.05
C GLY D 32 21.43 -6.21 18.54
N TRP D 33 22.38 -5.38 18.13
CA TRP D 33 22.49 -4.02 18.63
C TRP D 33 22.64 -3.03 17.49
N ALA D 34 21.93 -1.93 17.56
CA ALA D 34 22.01 -0.89 16.54
C ALA D 34 21.65 0.49 17.07
N SER D 35 21.94 1.52 16.26
CA SER D 35 21.69 2.91 16.67
C SER D 35 21.18 3.77 15.53
N TYR D 36 20.33 4.73 15.86
CA TYR D 36 19.80 5.67 14.89
C TYR D 36 20.64 6.94 14.88
N GLY D 37 21.83 6.91 15.49
CA GLY D 37 22.63 8.11 15.60
C GLY D 37 23.58 8.19 16.79
N PRO D 38 23.04 8.12 18.01
CA PRO D 38 23.86 8.25 19.23
C PRO D 38 24.93 7.15 19.27
N THR D 39 25.95 7.24 20.13
CA THR D 39 26.93 6.14 20.18
C THR D 39 26.37 4.95 20.95
N GLN D 40 25.39 5.20 21.81
CA GLN D 40 24.70 4.11 22.50
C GLN D 40 23.98 3.27 21.46
N LYS D 41 23.82 1.98 21.74
CA LYS D 41 23.07 1.08 20.88
C LYS D 41 21.89 0.45 21.63
N TRP D 42 20.87 0.05 20.88
CA TRP D 42 19.66 -0.53 21.44
C TRP D 42 19.33 -1.82 20.71
N GLY D 43 18.51 -2.65 21.34
CA GLY D 43 18.09 -3.89 20.72
C GLY D 43 16.92 -3.69 19.79
N PRO D 44 16.38 -4.80 19.26
CA PRO D 44 15.34 -4.77 18.22
C PRO D 44 14.04 -4.08 18.65
N GLN D 45 13.87 -3.77 19.94
CA GLN D 45 12.71 -2.97 20.36
C GLN D 45 12.96 -1.47 20.29
N GLY D 46 14.20 -1.08 20.02
CA GLY D 46 14.52 0.33 19.90
C GLY D 46 14.66 1.08 21.21
N ASP D 47 14.50 2.40 21.16
CA ASP D 47 14.71 3.28 22.30
C ASP D 47 13.38 3.77 22.85
N ARG D 48 12.99 3.24 23.99
CA ARG D 48 11.69 3.52 24.56
C ARG D 48 11.59 4.97 25.04
N GLU D 49 12.72 5.65 25.10
CA GLU D 49 12.77 7.00 25.66
C GLU D 49 12.81 8.08 24.57
N HIS D 50 12.86 7.67 23.31
CA HIS D 50 13.03 8.62 22.21
C HIS D 50 11.70 9.01 21.58
N PRO D 51 11.48 10.32 21.34
CA PRO D 51 10.21 10.76 20.75
C PRO D 51 10.11 10.43 19.25
N ASP D 52 8.87 10.29 18.76
CA ASP D 52 8.60 9.98 17.37
C ASP D 52 8.63 11.26 16.54
N GLN D 53 9.71 11.45 15.78
CA GLN D 53 9.86 12.66 14.97
C GLN D 53 9.50 12.46 13.49
N GLY D 54 8.70 11.44 13.19
CA GLY D 54 8.32 11.15 11.82
C GLY D 54 8.78 9.77 11.36
N LEU D 55 8.75 8.81 12.27
CA LEU D 55 9.24 7.47 11.99
C LEU D 55 8.43 6.78 10.89
N ILE D 56 9.07 5.91 10.14
CA ILE D 56 8.39 5.11 9.13
C ILE D 56 7.34 4.19 9.75
N CYS D 57 7.47 3.88 11.04
CA CYS D 57 6.46 3.12 11.77
C CYS D 57 6.12 3.80 13.09
N HIS D 58 4.90 4.32 13.19
CA HIS D 58 4.49 5.06 14.38
C HIS D 58 4.00 4.13 15.49
N ASP D 59 3.99 2.83 15.23
CA ASP D 59 3.57 1.86 16.23
C ASP D 59 4.74 1.06 16.80
N ALA D 60 5.96 1.56 16.58
CA ALA D 60 7.14 1.00 17.22
C ALA D 60 8.12 2.12 17.57
N PHE D 61 9.03 1.85 18.50
CA PHE D 61 9.98 2.87 18.91
C PHE D 61 11.02 3.17 17.84
N CYS D 62 11.68 4.32 17.96
CA CYS D 62 12.80 4.63 17.08
C CYS D 62 13.88 3.59 17.33
N GLY D 63 14.36 2.95 16.28
CA GLY D 63 15.45 2.00 16.37
C GLY D 63 14.94 0.57 16.47
N ALA D 64 13.62 0.41 16.37
CA ALA D 64 13.00 -0.92 16.41
C ALA D 64 13.07 -1.59 15.05
N LEU D 65 12.98 -2.91 15.04
CA LEU D 65 12.87 -3.63 13.79
C LEU D 65 11.41 -3.64 13.34
N VAL D 66 11.17 -3.25 12.09
CA VAL D 66 9.83 -3.35 11.53
C VAL D 66 9.94 -4.06 10.19
N MET D 67 8.81 -4.29 9.54
CA MET D 67 8.81 -4.96 8.25
C MET D 67 7.68 -4.45 7.37
N LYS D 68 7.80 -4.72 6.07
CA LYS D 68 6.70 -4.55 5.14
C LYS D 68 6.50 -5.89 4.48
N ILE D 69 5.24 -6.22 4.21
CA ILE D 69 4.91 -7.44 3.47
C ILE D 69 4.35 -7.02 2.12
N GLY D 70 5.10 -7.33 1.06
CA GLY D 70 4.76 -6.81 -0.25
C GLY D 70 4.86 -5.30 -0.20
N ASN D 71 3.79 -4.61 -0.57
CA ASN D 71 3.77 -3.16 -0.47
C ASN D 71 2.86 -2.64 0.64
N SER D 72 2.72 -3.44 1.70
CA SER D 72 1.97 -3.01 2.87
C SER D 72 2.68 -1.85 3.58
N GLY D 73 1.95 -1.20 4.49
CA GLY D 73 2.55 -0.23 5.38
C GLY D 73 3.44 -0.98 6.36
N THR D 74 4.22 -0.25 7.15
CA THR D 74 5.12 -0.90 8.11
C THR D 74 4.35 -1.62 9.21
N ILE D 75 4.92 -2.75 9.64
CA ILE D 75 4.37 -3.54 10.74
C ILE D 75 5.49 -3.79 11.74
N PRO D 76 5.23 -3.54 13.03
CA PRO D 76 6.27 -3.76 14.04
C PRO D 76 6.71 -5.22 14.11
N VAL D 77 8.01 -5.44 14.22
CA VAL D 77 8.56 -6.78 14.46
C VAL D 77 9.18 -6.82 15.86
N ASN D 78 9.97 -5.81 16.21
CA ASN D 78 10.60 -5.80 17.52
C ASN D 78 11.48 -7.05 17.70
N THR D 79 11.41 -7.71 18.85
CA THR D 79 12.24 -8.89 19.08
C THR D 79 11.80 -10.11 18.27
N GLY D 80 10.59 -10.05 17.74
CA GLY D 80 10.10 -11.13 16.89
C GLY D 80 8.60 -11.32 17.00
N LEU D 81 8.11 -12.30 16.25
CA LEU D 81 6.69 -12.62 16.20
C LEU D 81 6.55 -14.12 16.38
N PHE D 82 5.57 -14.55 17.18
CA PHE D 82 5.42 -15.97 17.49
C PHE D 82 4.15 -16.52 16.86
N ARG D 83 4.33 -17.42 15.89
CA ARG D 83 3.23 -18.05 15.16
C ARG D 83 2.18 -17.02 14.75
N TRP D 84 2.64 -16.08 13.93
CA TRP D 84 1.92 -14.85 13.67
C TRP D 84 1.26 -14.93 12.29
N VAL D 85 0.08 -14.34 12.17
CA VAL D 85 -0.66 -14.32 10.91
C VAL D 85 -0.98 -12.88 10.55
N ALA D 86 -0.76 -12.52 9.28
CA ALA D 86 -0.92 -11.14 8.83
C ALA D 86 -2.39 -10.77 8.75
N PRO D 87 -2.69 -9.46 8.74
CA PRO D 87 -4.07 -9.02 8.51
C PRO D 87 -4.57 -9.47 7.14
N ASN D 88 -5.88 -9.52 6.96
CA ASN D 88 -6.43 -9.80 5.64
C ASN D 88 -5.90 -8.82 4.60
N ASN D 89 -5.74 -9.32 3.38
CA ASN D 89 -5.34 -8.53 2.23
C ASN D 89 -3.89 -8.03 2.28
N VAL D 90 -3.07 -8.73 3.06
CA VAL D 90 -1.64 -8.44 3.14
C VAL D 90 -0.86 -9.65 2.69
N GLN D 91 0.01 -9.48 1.69
CA GLN D 91 0.82 -10.57 1.16
C GLN D 91 1.97 -10.09 0.29
N GLY D 92 2.99 -10.93 0.13
CA GLY D 92 4.14 -10.61 -0.71
C GLY D 92 5.46 -10.80 0.01
N ALA D 93 6.56 -10.45 -0.64
CA ALA D 93 7.88 -10.63 -0.02
C ALA D 93 8.00 -9.82 1.28
N ILE D 94 8.61 -10.42 2.29
CA ILE D 94 8.90 -9.71 3.53
C ILE D 94 10.19 -8.90 3.42
N THR D 95 10.09 -7.60 3.66
CA THR D 95 11.24 -6.72 3.71
C THR D 95 11.42 -6.22 5.14
N LEU D 96 12.63 -6.38 5.69
CA LEU D 96 12.91 -5.94 7.06
C LEU D 96 13.55 -4.58 7.04
N ILE D 97 13.18 -3.73 7.99
CA ILE D 97 13.62 -2.34 7.98
C ILE D 97 13.81 -1.79 9.39
N TYR D 98 14.90 -1.04 9.57
CA TYR D 98 15.17 -0.34 10.83
C TYR D 98 14.25 0.88 10.91
N ASN D 99 13.63 1.09 12.06
CA ASN D 99 12.69 2.21 12.23
C ASN D 99 13.39 3.52 12.50
N ASP D 100 13.37 4.41 11.51
CA ASP D 100 13.93 5.74 11.68
C ASP D 100 13.12 6.75 10.85
N VAL D 101 13.48 8.03 10.93
CA VAL D 101 12.81 9.03 10.10
C VAL D 101 13.43 9.04 8.71
N PRO D 102 12.57 9.08 7.67
CA PRO D 102 13.08 9.17 6.30
C PRO D 102 14.09 10.30 6.15
N GLY D 103 15.21 10.00 5.48
CA GLY D 103 16.22 11.01 5.21
C GLY D 103 17.27 11.13 6.30
N THR D 104 17.11 10.37 7.38
CA THR D 104 18.06 10.45 8.50
C THR D 104 18.78 9.14 8.75
N TYR D 105 18.78 8.25 7.77
CA TYR D 105 19.41 6.94 7.96
C TYR D 105 20.93 6.98 7.86
N GLY D 106 21.47 8.11 7.39
CA GLY D 106 22.88 8.17 7.08
C GLY D 106 23.82 8.02 8.26
N ASN D 107 23.37 8.38 9.45
CA ASN D 107 24.20 8.31 10.65
C ASN D 107 23.87 7.11 11.54
N ASN D 108 23.17 6.13 10.97
CA ASN D 108 22.84 4.92 11.71
C ASN D 108 23.98 3.94 11.68
N SER D 109 24.00 3.00 12.61
CA SER D 109 25.04 1.97 12.65
C SER D 109 24.56 0.70 13.33
N GLY D 110 25.31 -0.39 13.15
CA GLY D 110 24.91 -1.68 13.68
C GLY D 110 23.91 -2.40 12.80
N SER D 111 23.43 -3.55 13.28
CA SER D 111 22.54 -4.40 12.51
C SER D 111 21.83 -5.37 13.45
N PHE D 112 20.72 -5.92 12.97
CA PHE D 112 20.04 -7.02 13.66
C PHE D 112 20.18 -8.29 12.83
N SER D 113 20.41 -9.40 13.52
CA SER D 113 20.43 -10.73 12.92
C SER D 113 19.04 -11.31 13.07
N VAL D 114 18.47 -11.84 11.99
CA VAL D 114 17.06 -12.20 11.99
C VAL D 114 16.80 -13.58 11.37
N ASN D 115 16.04 -14.40 12.08
CA ASN D 115 15.52 -15.65 11.52
C ASN D 115 14.04 -15.53 11.22
N ILE D 116 13.62 -16.02 10.06
CA ILE D 116 12.20 -16.08 9.72
C ILE D 116 11.90 -17.48 9.18
N GLY D 117 10.80 -18.07 9.62
CA GLY D 117 10.37 -19.35 9.09
C GLY D 117 8.86 -19.46 9.03
N LYS D 118 8.36 -20.33 8.16
CA LYS D 118 6.92 -20.58 8.13
C LYS D 118 6.59 -21.74 9.08
N ASP D 119 5.45 -21.63 9.76
CA ASP D 119 5.09 -22.63 10.74
C ASP D 119 3.98 -23.53 10.22
N GLN D 120 3.79 -24.65 10.91
CA GLN D 120 2.68 -25.54 10.61
C GLN D 120 1.38 -24.74 10.62
N SER D 121 0.48 -25.07 9.69
CA SER D 121 -0.82 -24.45 9.61
C SER D 121 -1.84 -25.37 8.94
#